data_9F9Z
#
_entry.id   9F9Z
#
_cell.length_a   52.768
_cell.length_b   73.746
_cell.length_c   68.406
_cell.angle_alpha   90.00
_cell.angle_beta   102.48
_cell.angle_gamma   90.00
#
_symmetry.space_group_name_H-M   'P 1 21 1'
#
loop_
_entity.id
_entity.type
_entity.pdbx_description
1 polymer 'Lysosomal acid glucosylceramidase'
2 branched 2-acetamido-2-deoxy-beta-D-glucopyranose-(1-4)-2-acetamido-2-deoxy-beta-D-glucopyranose
3 non-polymer 'POTASSIUM ION'
4 non-polymer 'SULFATE ION'
5 non-polymer (2~{S})-1-(2,6-dimethylphenoxy)propan-2-amine
6 water water
#
_entity_poly.entity_id   1
_entity_poly.type   'polypeptide(L)'
_entity_poly.pdbx_seq_one_letter_code
;MGPLLLLLPLLWAGALAARPCIPKSFGYSSVVCVCNATYCDSFDPPTFPALGTFSRYESTRSGRRMELSMGPIQANHTGT
GLLLTLQPEQKFQKVKGFGGAMTDAAALNILALSPPAQNLLLKSYFSEEGIGYNIIRVPMASCDFSIRTYTYADTPDDFQ
LHNFSLPEEDTKLKIPLIHRALQLAQRPVSLLASPWTSPTWLKTNGAVNGKGSLKGQPGDIYHQTWARYFVKFLDAYAEH
KLQFWAVTAENEPSAGLLSGYPFQCLGFTPEHQRDFIARDLGPTLANSTHHNVRLLMLDDQRLLLPHWAKVVLTDPEAAK
YVHGIAVHWYLDFLAPAKATLGETHRLFPNTMLFASEACVGSKFWEQSVRLGSWDRGMQYSHSIITNLLYHVVGWTDWNL
ALNPEGGPNWVRNFVDSPIIVDITKDTFYKQPMFYHLGHFSKFIPEGSQRVGLVASQKNDLDAVALMHPDGSAVVVVLNR
SSKDVPLTIKDPAVGFLETISPGYSIHTYLWRRQHHHHHH
;
_entity_poly.pdbx_strand_id   A
#
# COMPACT_ATOMS: atom_id res chain seq x y z
N ALA A 18 -2.70 -23.96 -8.27
CA ALA A 18 -3.38 -25.27 -8.17
C ALA A 18 -4.88 -25.06 -8.00
N ARG A 19 -5.32 -24.17 -7.11
CA ARG A 19 -6.70 -24.27 -6.67
C ARG A 19 -7.49 -23.05 -7.13
N PRO A 20 -8.59 -23.27 -7.82
CA PRO A 20 -9.38 -22.12 -8.18
C PRO A 20 -10.27 -21.59 -7.04
N CYS A 21 -10.67 -20.35 -7.25
CA CYS A 21 -11.70 -19.58 -6.56
C CYS A 21 -12.98 -20.38 -6.25
N ILE A 22 -13.42 -20.37 -5.02
CA ILE A 22 -14.80 -20.78 -4.75
C ILE A 22 -15.67 -19.52 -4.66
N PRO A 23 -16.49 -19.26 -5.66
CA PRO A 23 -17.21 -17.99 -5.67
C PRO A 23 -18.49 -18.05 -4.80
N LYS A 24 -18.70 -17.06 -3.95
CA LYS A 24 -20.02 -16.83 -3.42
C LYS A 24 -20.48 -15.42 -3.76
N SER A 25 -21.78 -15.21 -3.90
CA SER A 25 -22.31 -13.87 -4.12
C SER A 25 -22.98 -13.37 -2.84
N PHE A 26 -22.87 -12.07 -2.59
CA PHE A 26 -23.63 -11.47 -1.49
C PHE A 26 -24.63 -10.42 -1.99
N GLY A 27 -24.84 -10.33 -3.29
CA GLY A 27 -25.84 -9.44 -3.89
C GLY A 27 -25.26 -8.10 -4.30
N TYR A 28 -23.94 -8.04 -4.52
CA TYR A 28 -23.24 -6.91 -5.15
C TYR A 28 -22.84 -7.33 -6.56
N SER A 29 -22.08 -6.53 -7.27
CA SER A 29 -21.95 -6.73 -8.70
C SER A 29 -21.11 -7.98 -9.03
N SER A 30 -20.19 -8.42 -8.20
CA SER A 30 -19.41 -9.61 -8.56
C SER A 30 -19.36 -10.52 -7.34
N VAL A 31 -18.34 -11.37 -7.25
CA VAL A 31 -18.28 -12.48 -6.28
C VAL A 31 -17.04 -12.28 -5.39
N VAL A 32 -17.07 -12.92 -4.24
CA VAL A 32 -15.89 -13.07 -3.43
C VAL A 32 -15.43 -14.51 -3.59
N CYS A 33 -14.16 -14.77 -3.28
CA CYS A 33 -13.65 -16.13 -3.22
C CYS A 33 -13.64 -16.57 -1.75
N VAL A 34 -14.27 -17.71 -1.51
CA VAL A 34 -14.43 -18.27 -0.15
C VAL A 34 -13.22 -19.17 0.16
N CYS A 35 -12.56 -18.84 1.27
CA CYS A 35 -11.50 -19.63 1.85
C CYS A 35 -11.86 -20.00 3.30
N ASN A 36 -11.27 -21.07 3.77
CA ASN A 36 -11.55 -21.59 5.09
C ASN A 36 -10.34 -22.45 5.51
N ALA A 37 -10.60 -23.34 6.46
CA ALA A 37 -9.58 -24.16 7.13
C ALA A 37 -9.06 -25.27 6.24
N THR A 38 -9.79 -25.62 5.16
CA THR A 38 -9.40 -26.74 4.27
C THR A 38 -9.22 -26.29 2.83
N TYR A 39 -9.69 -25.13 2.42
CA TYR A 39 -9.59 -24.74 1.01
C TYR A 39 -9.30 -23.23 0.86
N CYS A 40 -8.33 -22.90 -0.01
CA CYS A 40 -8.16 -21.53 -0.48
C CYS A 40 -7.67 -21.53 -1.93
N ASP A 41 -8.13 -20.56 -2.70
CA ASP A 41 -7.55 -20.36 -4.05
C ASP A 41 -6.08 -20.08 -4.04
N SER A 42 -5.33 -20.77 -4.86
CA SER A 42 -3.88 -20.58 -4.89
C SER A 42 -3.32 -20.77 -6.30
N PHE A 43 -2.21 -20.10 -6.56
CA PHE A 43 -1.41 -20.33 -7.81
C PHE A 43 -0.27 -21.34 -7.61
N ASP A 44 0.11 -22.01 -8.71
CA ASP A 44 1.29 -22.88 -8.73
C ASP A 44 2.55 -22.02 -8.53
N PRO A 45 3.72 -22.69 -8.37
CA PRO A 45 4.98 -21.97 -8.42
C PRO A 45 5.12 -21.19 -9.73
N PRO A 46 5.49 -19.90 -9.64
CA PRO A 46 5.48 -19.07 -10.86
C PRO A 46 6.54 -19.51 -11.88
N THR A 47 6.15 -19.77 -13.11
CA THR A 47 7.08 -19.90 -14.24
C THR A 47 6.74 -18.86 -15.31
N PHE A 48 7.74 -18.48 -16.08
CA PHE A 48 7.48 -17.72 -17.29
C PHE A 48 7.24 -18.68 -18.45
N PRO A 49 6.44 -18.27 -19.42
CA PRO A 49 6.34 -19.05 -20.66
C PRO A 49 7.66 -19.07 -21.44
N ALA A 50 7.85 -20.03 -22.35
CA ALA A 50 9.08 -20.07 -23.19
C ALA A 50 9.09 -18.86 -24.13
N LEU A 51 10.24 -18.57 -24.74
CA LEU A 51 10.28 -17.45 -25.70
C LEU A 51 9.29 -17.80 -26.84
N GLY A 52 8.64 -16.77 -27.39
CA GLY A 52 7.59 -16.94 -28.44
C GLY A 52 6.20 -16.94 -27.84
N THR A 53 6.10 -17.08 -26.52
CA THR A 53 4.84 -17.32 -25.80
C THR A 53 4.61 -16.23 -24.74
N PHE A 54 3.41 -15.64 -24.68
CA PHE A 54 3.08 -14.74 -23.58
C PHE A 54 2.07 -15.39 -22.63
N SER A 55 2.13 -14.99 -21.36
CA SER A 55 1.14 -15.37 -20.35
C SER A 55 0.10 -14.26 -20.16
N ARG A 56 -1.16 -14.59 -19.94
CA ARG A 56 -2.24 -13.60 -19.66
C ARG A 56 -3.00 -14.07 -18.42
N TYR A 57 -3.03 -13.24 -17.36
CA TYR A 57 -3.90 -13.47 -16.21
C TYR A 57 -5.14 -12.58 -16.34
N GLU A 58 -6.33 -13.16 -16.21
CA GLU A 58 -7.63 -12.47 -16.44
C GLU A 58 -8.49 -12.59 -15.17
N SER A 59 -9.01 -11.45 -14.71
CA SER A 59 -10.12 -11.43 -13.73
C SER A 59 -11.30 -10.70 -14.39
N THR A 60 -12.52 -11.16 -14.15
CA THR A 60 -13.68 -10.45 -14.68
C THR A 60 -14.74 -10.33 -13.58
N ARG A 61 -15.60 -9.34 -13.77
CA ARG A 61 -16.79 -9.11 -12.97
C ARG A 61 -17.69 -10.34 -13.05
N SER A 62 -17.74 -10.92 -14.25
CA SER A 62 -18.48 -12.17 -14.50
C SER A 62 -17.91 -13.35 -13.68
N GLY A 63 -16.73 -13.26 -13.04
CA GLY A 63 -16.31 -14.28 -12.05
C GLY A 63 -14.88 -14.77 -12.23
N ARG A 64 -14.25 -14.51 -13.36
CA ARG A 64 -12.92 -15.05 -13.52
C ARG A 64 -11.98 -14.39 -12.50
N ARG A 65 -11.02 -15.17 -11.96
CA ARG A 65 -10.10 -14.72 -10.93
C ARG A 65 -8.67 -15.19 -11.27
N MET A 66 -7.91 -14.29 -11.88
CA MET A 66 -6.53 -14.51 -12.21
C MET A 66 -6.33 -15.89 -12.81
N GLU A 67 -7.15 -16.19 -13.81
CA GLU A 67 -7.05 -17.38 -14.59
C GLU A 67 -5.99 -17.18 -15.67
N LEU A 68 -4.96 -18.02 -15.63
CA LEU A 68 -3.86 -18.06 -16.60
C LEU A 68 -4.33 -18.60 -17.94
N SER A 69 -3.91 -17.93 -18.99
CA SER A 69 -4.05 -18.36 -20.39
C SER A 69 -2.73 -18.05 -21.10
N MET A 70 -2.45 -18.65 -22.25
CA MET A 70 -1.19 -18.37 -22.95
C MET A 70 -1.40 -18.28 -24.47
N GLY A 71 -0.56 -17.43 -25.06
CA GLY A 71 -0.73 -17.01 -26.43
C GLY A 71 0.60 -16.91 -27.16
N PRO A 72 0.52 -16.89 -28.49
CA PRO A 72 1.75 -16.78 -29.22
C PRO A 72 2.09 -15.29 -29.36
N ILE A 73 3.38 -15.03 -29.40
CA ILE A 73 3.94 -13.75 -29.76
C ILE A 73 4.24 -13.79 -31.24
N GLN A 74 3.65 -12.88 -32.01
CA GLN A 74 3.69 -12.98 -33.46
C GLN A 74 4.59 -11.91 -34.05
N ALA A 75 5.15 -12.28 -35.20
CA ALA A 75 6.13 -11.50 -35.92
C ALA A 75 5.48 -10.30 -36.62
N ASN A 76 4.33 -10.45 -37.22
CA ASN A 76 3.76 -9.34 -38.00
C ASN A 76 2.41 -8.98 -37.41
N HIS A 77 1.87 -7.85 -37.80
CA HIS A 77 0.51 -7.51 -37.44
C HIS A 77 -0.04 -6.56 -38.51
N THR A 78 -1.27 -6.77 -38.88
CA THR A 78 -1.97 -5.86 -39.72
C THR A 78 -3.31 -5.57 -39.07
N GLY A 79 -3.75 -4.33 -39.12
CA GLY A 79 -5.08 -4.02 -38.71
C GLY A 79 -5.26 -2.51 -38.71
N THR A 80 -6.48 -2.06 -38.62
CA THR A 80 -6.73 -0.67 -38.22
C THR A 80 -6.84 -0.60 -36.69
N GLY A 81 -7.07 -1.74 -36.01
CA GLY A 81 -7.46 -1.77 -34.61
C GLY A 81 -6.47 -1.05 -33.71
N LEU A 82 -6.82 -0.94 -32.43
CA LEU A 82 -6.03 -0.25 -31.44
C LEU A 82 -4.70 -0.99 -31.20
N LEU A 83 -3.63 -0.18 -31.12
CA LEU A 83 -2.28 -0.69 -30.95
C LEU A 83 -1.63 -0.01 -29.75
N LEU A 84 -1.23 -0.76 -28.74
CA LEU A 84 -0.34 -0.25 -27.70
C LEU A 84 1.08 -0.71 -28.04
N THR A 85 2.02 0.25 -28.12
CA THR A 85 3.40 -0.03 -28.46
C THR A 85 4.30 0.29 -27.28
N LEU A 86 4.96 -0.74 -26.80
CA LEU A 86 5.86 -0.65 -25.70
C LEU A 86 7.02 0.29 -26.06
N GLN A 87 7.45 1.04 -25.06
CA GLN A 87 8.57 1.95 -25.18
C GLN A 87 9.61 1.48 -24.16
N PRO A 88 10.21 0.31 -24.41
CA PRO A 88 11.08 -0.28 -23.37
C PRO A 88 12.33 0.57 -23.01
N GLU A 89 12.80 1.47 -23.88
CA GLU A 89 13.95 2.27 -23.57
C GLU A 89 13.54 3.61 -22.93
N GLN A 90 12.24 3.91 -22.86
CA GLN A 90 11.70 5.08 -22.14
C GLN A 90 11.43 4.75 -20.67
N LYS A 91 12.30 5.18 -19.74
CA LYS A 91 12.32 4.59 -18.38
C LYS A 91 11.87 5.58 -17.32
N PHE A 92 10.99 5.17 -16.42
CA PHE A 92 10.63 6.05 -15.37
C PHE A 92 11.12 5.46 -14.04
N GLN A 93 10.27 5.52 -13.02
CA GLN A 93 10.69 5.21 -11.69
C GLN A 93 11.03 3.72 -11.59
N LYS A 94 11.83 3.42 -10.56
CA LYS A 94 11.94 2.02 -10.09
C LYS A 94 10.99 1.79 -8.90
N VAL A 95 10.30 0.65 -8.98
CA VAL A 95 9.29 0.23 -8.06
C VAL A 95 9.92 -0.43 -6.83
N LYS A 96 9.49 0.06 -5.67
CA LYS A 96 9.78 -0.43 -4.30
C LYS A 96 8.88 -1.63 -3.90
N GLY A 97 7.58 -1.48 -4.08
CA GLY A 97 6.70 -2.62 -3.97
C GLY A 97 5.29 -2.27 -3.55
N PHE A 98 4.63 -3.32 -3.06
CA PHE A 98 3.24 -3.36 -2.77
C PHE A 98 3.04 -4.13 -1.46
N GLY A 99 2.09 -3.66 -0.67
CA GLY A 99 1.81 -4.28 0.61
C GLY A 99 0.53 -3.74 1.23
N GLY A 100 0.39 -3.98 2.52
CA GLY A 100 -0.64 -3.35 3.34
C GLY A 100 -0.16 -3.22 4.77
N ALA A 101 -1.08 -2.88 5.68
CA ALA A 101 -0.80 -2.50 7.06
C ALA A 101 -1.29 -3.58 8.04
N MET A 102 -0.36 -4.06 8.89
CA MET A 102 -0.64 -4.85 10.07
C MET A 102 -1.06 -3.97 11.25
N THR A 103 -2.28 -3.41 11.18
CA THR A 103 -2.87 -2.64 12.25
C THR A 103 -3.32 -3.60 13.35
N ASP A 104 -3.68 -3.08 14.52
CA ASP A 104 -4.17 -3.94 15.59
C ASP A 104 -5.36 -4.81 15.10
N ALA A 105 -6.30 -4.17 14.44
CA ALA A 105 -7.51 -4.80 14.00
C ALA A 105 -7.20 -5.87 12.94
N ALA A 106 -6.36 -5.57 11.96
CA ALA A 106 -5.84 -6.62 11.09
C ALA A 106 -5.37 -7.81 11.94
N ALA A 107 -4.51 -7.52 12.91
CA ALA A 107 -3.89 -8.58 13.69
C ALA A 107 -5.01 -9.41 14.37
N LEU A 108 -6.05 -8.72 14.86
CA LEU A 108 -7.04 -9.37 15.70
C LEU A 108 -7.97 -10.23 14.87
N ASN A 109 -8.20 -9.78 13.65
CA ASN A 109 -9.12 -10.46 12.77
C ASN A 109 -8.42 -11.76 12.40
N ILE A 110 -7.20 -11.60 11.92
CA ILE A 110 -6.40 -12.71 11.51
C ILE A 110 -6.29 -13.76 12.63
N LEU A 111 -5.96 -13.36 13.85
CA LEU A 111 -5.69 -14.36 14.90
C LEU A 111 -6.99 -14.97 15.46
N ALA A 112 -8.15 -14.36 15.18
CA ALA A 112 -9.44 -14.94 15.54
C ALA A 112 -9.75 -16.15 14.63
N LEU A 113 -9.07 -16.26 13.51
CA LEU A 113 -9.23 -17.46 12.67
C LEU A 113 -8.44 -18.62 13.27
N SER A 114 -8.80 -19.79 12.76
CA SER A 114 -8.13 -21.03 13.09
C SER A 114 -6.74 -21.08 12.42
N PRO A 115 -5.75 -21.59 13.18
CA PRO A 115 -4.40 -21.72 12.67
C PRO A 115 -4.44 -21.98 11.16
N PRO A 116 -5.09 -23.04 10.65
CA PRO A 116 -5.05 -23.34 9.19
C PRO A 116 -5.59 -22.21 8.32
N ALA A 117 -6.78 -21.72 8.62
CA ALA A 117 -7.31 -20.55 7.89
C ALA A 117 -6.36 -19.36 8.01
N GLN A 118 -5.80 -19.08 9.22
CA GLN A 118 -4.88 -17.93 9.41
C GLN A 118 -3.71 -18.11 8.45
N ASN A 119 -3.17 -19.32 8.47
CA ASN A 119 -2.04 -19.56 7.62
C ASN A 119 -2.43 -19.40 6.14
N LEU A 120 -3.58 -19.88 5.69
CA LEU A 120 -3.91 -19.71 4.25
C LEU A 120 -4.16 -18.21 3.93
N LEU A 121 -4.43 -17.42 4.97
CA LEU A 121 -4.66 -15.96 4.72
C LEU A 121 -3.32 -15.26 4.49
N LEU A 122 -2.35 -15.59 5.29
CA LEU A 122 -1.04 -14.99 5.12
C LEU A 122 -0.42 -15.49 3.82
N LYS A 123 -0.52 -16.80 3.53
CA LYS A 123 -0.14 -17.35 2.21
C LYS A 123 -0.73 -16.50 1.08
N SER A 124 -1.99 -16.19 1.21
CA SER A 124 -2.77 -15.45 0.23
C SER A 124 -2.06 -14.16 -0.19
N TYR A 125 -1.52 -13.42 0.79
CA TYR A 125 -0.82 -12.13 0.63
C TYR A 125 0.70 -12.28 0.39
N PHE A 126 1.41 -13.19 1.07
CA PHE A 126 2.84 -13.01 1.26
C PHE A 126 3.65 -14.10 0.53
N SER A 127 2.99 -15.09 -0.01
CA SER A 127 3.65 -16.24 -0.60
C SER A 127 3.55 -16.15 -2.14
N GLU A 128 4.42 -16.86 -2.83
CA GLU A 128 4.42 -16.93 -4.30
C GLU A 128 3.23 -17.76 -4.83
N GLU A 129 2.59 -18.57 -3.97
CA GLU A 129 1.27 -19.17 -4.28
C GLU A 129 0.16 -18.13 -4.04
N GLY A 130 0.51 -17.01 -3.43
CA GLY A 130 -0.38 -15.86 -3.16
C GLY A 130 -0.03 -14.67 -4.04
N ILE A 131 -0.10 -13.44 -3.54
CA ILE A 131 0.07 -12.33 -4.48
C ILE A 131 1.33 -11.50 -4.17
N GLY A 132 2.23 -12.03 -3.33
CA GLY A 132 3.64 -11.61 -3.34
C GLY A 132 3.88 -10.22 -2.74
N TYR A 133 3.10 -9.85 -1.72
CA TYR A 133 3.36 -8.61 -0.94
C TYR A 133 4.82 -8.56 -0.45
N ASN A 134 5.43 -7.39 -0.48
CA ASN A 134 6.78 -7.24 0.02
C ASN A 134 6.86 -6.03 0.98
N ILE A 135 5.72 -5.45 1.33
CA ILE A 135 5.65 -4.28 2.27
C ILE A 135 4.59 -4.56 3.36
N ILE A 136 4.96 -4.22 4.59
CA ILE A 136 4.08 -4.15 5.71
C ILE A 136 4.31 -2.80 6.41
N ARG A 137 3.22 -2.05 6.54
CA ARG A 137 3.18 -0.81 7.31
C ARG A 137 2.72 -1.16 8.71
N VAL A 138 3.44 -0.67 9.71
CA VAL A 138 3.21 -0.97 11.11
C VAL A 138 2.88 0.34 11.83
N PRO A 139 1.66 0.44 12.37
CA PRO A 139 1.43 1.62 13.22
C PRO A 139 2.29 1.60 14.50
N MET A 140 2.94 2.71 14.82
CA MET A 140 3.67 2.86 16.10
C MET A 140 2.66 3.16 17.22
N ALA A 141 2.26 2.09 17.90
CA ALA A 141 1.24 2.06 18.93
C ALA A 141 -0.13 2.20 18.26
N SER A 142 -1.03 2.91 18.87
CA SER A 142 -2.44 2.66 18.62
C SER A 142 -3.00 3.69 17.64
N CYS A 143 -3.91 3.24 16.78
CA CYS A 143 -4.61 4.15 15.88
C CYS A 143 -6.13 3.94 15.97
N ASP A 144 -6.87 4.25 14.92
CA ASP A 144 -8.32 4.15 15.03
C ASP A 144 -8.73 2.70 14.87
N PHE A 145 -7.94 1.96 14.09
CA PHE A 145 -8.07 0.54 13.94
C PHE A 145 -7.36 -0.14 15.11
N SER A 146 -7.75 0.31 16.30
CA SER A 146 -7.28 -0.23 17.58
C SER A 146 -8.49 -0.30 18.53
N ILE A 147 -8.40 -1.11 19.58
CA ILE A 147 -9.50 -1.21 20.56
C ILE A 147 -9.10 -0.55 21.90
N ARG A 148 -7.81 -0.45 22.26
CA ARG A 148 -7.42 0.47 23.34
C ARG A 148 -6.69 1.65 22.71
N THR A 149 -6.80 2.80 23.41
CA THR A 149 -5.92 3.93 23.28
C THR A 149 -4.75 3.70 24.23
N TYR A 150 -3.56 3.73 23.65
CA TYR A 150 -2.28 3.62 24.38
C TYR A 150 -1.15 4.15 23.48
N THR A 151 -0.05 4.57 24.10
CA THR A 151 1.26 4.75 23.43
C THR A 151 2.25 3.81 24.12
N TYR A 152 3.49 3.79 23.65
CA TYR A 152 4.54 3.05 24.31
C TYR A 152 5.05 3.79 25.56
N ALA A 153 4.54 4.97 25.87
CA ALA A 153 5.21 5.75 26.92
C ALA A 153 4.20 6.57 27.72
N ASP A 154 3.20 5.89 28.25
CA ASP A 154 2.09 6.57 28.92
C ASP A 154 2.42 7.17 30.29
N THR A 155 3.39 6.64 31.02
CA THR A 155 3.80 7.26 32.33
C THR A 155 4.26 8.70 32.10
N PRO A 156 3.58 9.67 32.72
CA PRO A 156 3.85 11.08 32.49
C PRO A 156 5.26 11.53 32.90
N ASP A 157 5.82 12.42 32.08
CA ASP A 157 7.11 13.12 32.33
C ASP A 157 8.31 12.22 32.35
N ASP A 158 8.22 11.13 31.63
CA ASP A 158 9.36 10.24 31.46
C ASP A 158 10.12 10.68 30.18
N PHE A 159 10.84 11.77 30.30
CA PHE A 159 11.47 12.41 29.14
C PHE A 159 12.61 11.57 28.57
N GLN A 160 13.23 10.75 29.39
CA GLN A 160 14.32 9.87 28.98
C GLN A 160 13.76 8.51 28.58
N LEU A 161 12.43 8.36 28.60
CA LEU A 161 11.81 7.13 28.11
C LEU A 161 12.37 5.89 28.84
N HIS A 162 12.61 6.01 30.13
CA HIS A 162 13.03 4.84 30.89
C HIS A 162 11.89 3.80 30.94
N ASN A 163 10.63 4.25 31.02
CA ASN A 163 9.44 3.38 31.09
C ASN A 163 8.85 3.07 29.71
N PHE A 164 9.52 3.38 28.61
CA PHE A 164 9.11 2.98 27.24
C PHE A 164 9.10 1.46 27.10
N SER A 165 8.07 0.91 26.47
CA SER A 165 8.06 -0.53 26.25
C SER A 165 6.94 -0.92 25.30
N LEU A 166 7.01 -2.14 24.84
CA LEU A 166 5.96 -2.64 23.96
C LEU A 166 4.96 -3.49 24.75
N PRO A 167 3.66 -3.21 24.61
CA PRO A 167 2.61 -4.06 25.16
C PRO A 167 2.27 -5.24 24.23
N GLU A 168 1.25 -6.01 24.58
CA GLU A 168 1.02 -7.27 23.91
C GLU A 168 0.54 -7.05 22.48
N GLU A 169 -0.19 -5.95 22.23
CA GLU A 169 -0.61 -5.63 20.87
C GLU A 169 0.61 -5.82 19.96
N ASP A 170 1.74 -5.30 20.40
CA ASP A 170 2.97 -5.59 19.68
C ASP A 170 3.46 -7.00 19.86
N THR A 171 3.84 -7.33 21.07
CA THR A 171 4.59 -8.59 21.32
C THR A 171 3.77 -9.85 21.06
N LYS A 172 2.45 -9.79 21.10
CA LYS A 172 1.68 -11.04 20.96
C LYS A 172 0.95 -11.11 19.61
N LEU A 173 0.50 -9.99 19.03
CA LEU A 173 -0.29 -10.05 17.79
C LEU A 173 0.55 -9.66 16.57
N LYS A 174 1.17 -8.48 16.59
CA LYS A 174 1.71 -7.88 15.33
C LYS A 174 3.06 -8.55 15.04
N ILE A 175 3.89 -8.62 16.07
CA ILE A 175 5.24 -9.01 15.80
C ILE A 175 5.28 -10.48 15.36
N PRO A 176 4.57 -11.37 16.04
CA PRO A 176 4.46 -12.76 15.60
C PRO A 176 3.89 -12.89 14.18
N LEU A 177 2.82 -12.18 13.86
CA LEU A 177 2.26 -12.25 12.48
C LEU A 177 3.23 -11.68 11.46
N ILE A 178 3.95 -10.64 11.86
CA ILE A 178 4.89 -10.12 10.96
C ILE A 178 5.98 -11.18 10.74
N HIS A 179 6.49 -11.85 11.76
CA HIS A 179 7.56 -12.87 11.50
C HIS A 179 7.01 -14.00 10.62
N ARG A 180 5.72 -14.33 10.81
CA ARG A 180 5.13 -15.44 10.05
C ARG A 180 5.05 -15.02 8.57
N ALA A 181 4.61 -13.78 8.28
CA ALA A 181 4.53 -13.34 6.87
C ALA A 181 5.92 -13.38 6.21
N LEU A 182 6.95 -13.09 6.97
CA LEU A 182 8.31 -13.11 6.42
C LEU A 182 8.75 -14.54 6.09
N GLN A 183 8.39 -15.52 6.91
CA GLN A 183 8.74 -16.92 6.66
C GLN A 183 8.13 -17.43 5.35
N LEU A 184 6.97 -16.88 4.95
CA LEU A 184 6.22 -17.40 3.82
C LEU A 184 6.70 -16.78 2.50
N ALA A 185 7.37 -15.63 2.60
CA ALA A 185 7.74 -14.90 1.40
C ALA A 185 9.14 -15.29 0.97
N GLN A 186 9.28 -15.51 -0.31
CA GLN A 186 10.56 -15.61 -0.93
C GLN A 186 11.05 -14.23 -1.35
N ARG A 187 10.18 -13.25 -1.49
CA ARG A 187 10.63 -11.87 -1.72
C ARG A 187 11.11 -11.27 -0.38
N PRO A 188 12.21 -10.48 -0.40
CA PRO A 188 12.54 -9.70 0.82
C PRO A 188 11.46 -8.66 1.12
N VAL A 189 11.15 -8.51 2.40
CA VAL A 189 9.99 -7.76 2.79
C VAL A 189 10.44 -6.56 3.61
N SER A 190 9.84 -5.40 3.30
CA SER A 190 10.23 -4.12 3.84
C SER A 190 9.13 -3.59 4.75
N LEU A 191 9.49 -3.28 6.00
CA LEU A 191 8.58 -2.78 6.97
C LEU A 191 8.62 -1.25 6.91
N LEU A 192 7.51 -0.62 7.11
CA LEU A 192 7.37 0.81 7.14
C LEU A 192 6.66 1.18 8.47
N ALA A 193 7.21 2.10 9.29
CA ALA A 193 6.52 2.47 10.52
C ALA A 193 5.86 3.85 10.38
N SER A 194 4.79 4.11 11.14
CA SER A 194 4.16 5.44 11.26
C SER A 194 3.41 5.57 12.60
N PRO A 195 3.65 6.66 13.37
CA PRO A 195 2.93 6.92 14.62
C PRO A 195 1.69 7.79 14.35
N TRP A 196 0.63 7.63 15.14
CA TRP A 196 -0.61 8.47 15.02
C TRP A 196 -0.54 9.62 16.03
N THR A 197 -0.21 9.32 17.27
CA THR A 197 -0.09 10.33 18.35
C THR A 197 1.14 10.00 19.20
N SER A 198 1.65 11.02 19.87
CA SER A 198 2.60 10.90 20.98
C SER A 198 1.86 10.65 22.30
N PRO A 199 2.63 10.30 23.35
CA PRO A 199 2.18 10.42 24.72
C PRO A 199 1.48 11.77 24.96
N THR A 200 0.39 11.76 25.73
CA THR A 200 -0.46 12.93 25.78
C THR A 200 0.27 14.07 26.49
N TRP A 201 1.24 13.68 27.33
CA TRP A 201 1.99 14.60 28.17
C TRP A 201 3.07 15.32 27.34
N LEU A 202 3.23 14.94 26.05
CA LEU A 202 4.05 15.75 25.16
C LEU A 202 3.15 16.72 24.35
N LYS A 203 1.82 16.78 24.56
CA LYS A 203 0.94 17.47 23.57
C LYS A 203 0.28 18.70 24.16
N THR A 204 0.01 19.70 23.34
CA THR A 204 -0.62 20.95 23.81
C THR A 204 -2.00 20.70 24.47
N ASN A 205 -2.79 19.80 23.92
CA ASN A 205 -4.15 19.55 24.41
C ASN A 205 -4.18 18.37 25.39
N GLY A 206 -3.11 17.63 25.58
CA GLY A 206 -3.07 16.63 26.64
C GLY A 206 -3.98 15.44 26.41
N ALA A 207 -4.37 15.19 25.17
CA ALA A 207 -5.29 14.09 24.86
C ALA A 207 -4.75 13.37 23.61
N VAL A 208 -5.20 12.15 23.31
CA VAL A 208 -4.61 11.38 22.19
C VAL A 208 -5.08 11.97 20.86
N ASN A 209 -6.25 12.61 20.91
CA ASN A 209 -6.99 13.12 19.78
C ASN A 209 -7.29 14.61 20.01
N GLY A 210 -8.29 15.18 19.36
CA GLY A 210 -8.55 16.59 19.48
C GLY A 210 -7.44 17.44 18.88
N LYS A 211 -7.73 18.70 18.66
CA LYS A 211 -6.74 19.60 18.09
C LYS A 211 -5.53 19.69 19.03
N GLY A 212 -4.32 19.50 18.50
CA GLY A 212 -3.12 19.62 19.34
C GLY A 212 -1.87 19.04 18.69
N SER A 213 -0.72 19.58 19.11
CA SER A 213 0.56 19.13 18.60
C SER A 213 1.57 19.02 19.75
N LEU A 214 2.82 18.72 19.46
CA LEU A 214 3.84 18.75 20.51
C LEU A 214 3.91 20.15 21.14
N LYS A 215 4.23 20.19 22.41
CA LYS A 215 4.47 21.44 23.10
C LYS A 215 5.82 22.02 22.66
N GLY A 216 6.12 23.22 23.12
CA GLY A 216 7.42 23.83 22.86
C GLY A 216 7.68 24.02 21.37
N GLN A 217 8.96 23.96 21.02
CA GLN A 217 9.50 24.28 19.69
C GLN A 217 10.49 23.22 19.27
N PRO A 218 10.47 22.80 18.02
CA PRO A 218 11.63 22.01 17.59
C PRO A 218 12.93 22.50 18.27
N GLY A 219 13.72 21.52 18.71
CA GLY A 219 15.01 21.70 19.33
C GLY A 219 14.95 21.44 20.81
N ASP A 220 13.74 21.51 21.34
CA ASP A 220 13.59 21.47 22.79
C ASP A 220 13.31 20.07 23.30
N ILE A 221 13.08 19.98 24.59
CA ILE A 221 13.01 18.72 25.31
C ILE A 221 11.88 17.84 24.73
N TYR A 222 10.73 18.43 24.45
CA TYR A 222 9.58 17.70 23.99
C TYR A 222 9.83 17.06 22.61
N HIS A 223 10.51 17.84 21.77
CA HIS A 223 10.77 17.46 20.41
C HIS A 223 11.88 16.41 20.41
N GLN A 224 12.90 16.61 21.25
CA GLN A 224 13.96 15.61 21.35
C GLN A 224 13.42 14.31 21.93
N THR A 225 12.39 14.40 22.77
CA THR A 225 11.88 13.20 23.44
C THR A 225 11.07 12.47 22.39
N TRP A 226 10.28 13.25 21.65
CA TRP A 226 9.44 12.66 20.58
C TRP A 226 10.34 11.96 19.57
N ALA A 227 11.44 12.58 19.10
CA ALA A 227 12.42 11.89 18.23
C ALA A 227 13.14 10.73 18.94
N ARG A 228 13.36 10.75 20.24
CA ARG A 228 14.06 9.58 20.88
C ARG A 228 13.09 8.38 20.98
N TYR A 229 11.79 8.65 20.97
CA TYR A 229 10.69 7.65 20.93
C TYR A 229 10.76 6.83 19.63
N PHE A 230 11.01 7.47 18.51
CA PHE A 230 11.19 6.78 17.26
C PHE A 230 12.38 5.80 17.35
N VAL A 231 13.43 6.17 18.08
CA VAL A 231 14.63 5.35 18.18
C VAL A 231 14.34 4.17 19.13
N LYS A 232 13.51 4.43 20.12
CA LYS A 232 13.20 3.39 21.08
C LYS A 232 12.35 2.34 20.36
N PHE A 233 11.37 2.83 19.65
CA PHE A 233 10.55 2.02 18.77
C PHE A 233 11.39 1.07 17.89
N LEU A 234 12.35 1.62 17.14
CA LEU A 234 13.22 0.77 16.32
C LEU A 234 14.12 -0.12 17.20
N ASP A 235 14.61 0.42 18.30
CA ASP A 235 15.39 -0.40 19.23
C ASP A 235 14.61 -1.58 19.71
N ALA A 236 13.31 -1.37 19.98
CA ALA A 236 12.49 -2.43 20.57
C ALA A 236 12.12 -3.49 19.50
N TYR A 237 11.78 -3.06 18.29
CA TYR A 237 11.53 -4.04 17.24
C TYR A 237 12.84 -4.77 16.88
N ALA A 238 14.00 -4.16 17.14
CA ALA A 238 15.27 -4.81 16.78
C ALA A 238 15.55 -5.94 17.77
N GLU A 239 15.05 -5.79 19.00
CA GLU A 239 15.12 -6.84 20.02
C GLU A 239 14.38 -8.11 19.58
N HIS A 240 13.31 -7.94 18.83
CA HIS A 240 12.52 -9.00 18.22
C HIS A 240 12.94 -9.27 16.78
N LYS A 241 14.11 -8.79 16.38
CA LYS A 241 14.79 -9.20 15.15
C LYS A 241 14.06 -8.69 13.89
N LEU A 242 13.34 -7.57 14.01
CA LEU A 242 12.72 -6.91 12.87
C LEU A 242 13.41 -5.57 12.59
N GLN A 243 13.87 -5.37 11.32
CA GLN A 243 14.48 -4.12 10.88
C GLN A 243 13.47 -3.36 10.01
N PHE A 244 13.51 -2.03 10.05
CA PHE A 244 12.62 -1.25 9.20
C PHE A 244 13.37 -0.71 7.98
N TRP A 245 12.70 -0.74 6.85
CA TRP A 245 13.17 -0.03 5.67
C TRP A 245 12.97 1.49 5.85
N ALA A 246 11.82 1.94 6.39
CA ALA A 246 11.48 3.40 6.44
C ALA A 246 10.49 3.73 7.58
N VAL A 247 10.50 5.00 7.97
CA VAL A 247 9.50 5.58 8.81
C VAL A 247 8.98 6.89 8.19
N THR A 248 7.71 7.18 8.48
CA THR A 248 7.09 8.43 8.13
C THR A 248 7.25 9.35 9.34
N ALA A 249 7.23 10.67 9.12
CA ALA A 249 7.43 11.66 10.22
C ALA A 249 6.18 11.80 11.10
N GLU A 250 5.03 11.42 10.58
CA GLU A 250 3.74 11.50 11.31
C GLU A 250 2.67 11.01 10.32
N ASN A 251 1.73 10.22 10.77
CA ASN A 251 0.54 9.88 9.96
C ASN A 251 -0.36 11.13 9.89
N GLU A 252 -0.75 11.57 8.70
CA GLU A 252 -1.73 12.67 8.50
C GLU A 252 -1.51 13.77 9.52
N PRO A 253 -0.34 14.43 9.43
CA PRO A 253 -0.03 15.56 10.32
C PRO A 253 -1.07 16.68 10.21
N SER A 254 -1.78 16.79 9.11
CA SER A 254 -2.76 17.88 9.04
C SER A 254 -3.98 17.57 9.94
N ALA A 255 -4.17 16.30 10.29
CA ALA A 255 -5.34 15.92 11.09
C ALA A 255 -5.29 16.56 12.48
N GLY A 256 -4.16 16.45 13.11
CA GLY A 256 -4.03 17.03 14.43
C GLY A 256 -4.26 18.53 14.49
N LEU A 257 -4.42 19.23 13.35
CA LEU A 257 -4.70 20.69 13.37
C LEU A 257 -6.20 21.00 13.28
N LEU A 258 -7.09 20.00 13.31
CA LEU A 258 -8.57 20.19 13.12
C LEU A 258 -9.26 20.05 14.46
N SER A 259 -10.09 21.00 14.84
CA SER A 259 -10.81 20.91 16.13
C SER A 259 -11.80 19.74 16.06
N GLY A 260 -11.94 18.99 17.15
CA GLY A 260 -12.78 17.83 17.16
C GLY A 260 -12.07 16.60 16.59
N TYR A 261 -10.80 16.66 16.16
CA TYR A 261 -10.34 15.49 15.44
C TYR A 261 -10.58 14.27 16.35
N PRO A 262 -11.39 13.29 15.89
CA PRO A 262 -11.96 12.20 16.71
C PRO A 262 -11.01 11.09 17.18
N PHE A 263 -9.89 10.85 16.51
CA PHE A 263 -8.98 9.78 16.97
C PHE A 263 -7.51 10.26 17.00
N GLN A 264 -6.65 9.34 17.44
CA GLN A 264 -5.22 9.56 17.61
C GLN A 264 -4.66 10.34 16.42
N CYS A 265 -3.97 11.43 16.77
CA CYS A 265 -3.35 12.33 15.85
C CYS A 265 -2.34 13.24 16.57
N LEU A 266 -1.53 13.93 15.78
CA LEU A 266 -0.53 14.87 16.28
C LEU A 266 -0.29 15.89 15.15
N GLY A 267 -0.61 17.15 15.41
CA GLY A 267 -0.66 18.18 14.37
C GLY A 267 0.69 18.81 14.05
N PHE A 268 1.07 18.83 12.78
CA PHE A 268 2.17 19.67 12.26
C PHE A 268 1.68 20.52 11.09
N THR A 269 1.89 21.84 11.15
CA THR A 269 2.00 22.62 9.90
C THR A 269 3.22 22.12 9.11
N PRO A 270 3.27 22.42 7.82
CA PRO A 270 4.53 22.04 7.14
C PRO A 270 5.79 22.68 7.75
N GLU A 271 5.71 23.95 8.12
CA GLU A 271 6.81 24.65 8.80
C GLU A 271 7.28 23.85 10.03
N HIS A 272 6.32 23.39 10.84
CA HIS A 272 6.59 22.59 12.04
C HIS A 272 7.27 21.26 11.65
N GLN A 273 6.75 20.52 10.67
CA GLN A 273 7.34 19.25 10.29
C GLN A 273 8.77 19.47 9.76
N ARG A 274 8.94 20.49 8.91
CA ARG A 274 10.22 20.99 8.41
C ARG A 274 11.24 21.16 9.54
N ASP A 275 10.87 21.91 10.56
CA ASP A 275 11.79 22.21 11.64
C ASP A 275 12.10 20.98 12.49
N PHE A 276 11.09 20.15 12.72
CA PHE A 276 11.24 18.98 13.56
C PHE A 276 12.17 17.95 12.90
N ILE A 277 12.04 17.84 11.59
CA ILE A 277 12.91 16.96 10.85
C ILE A 277 14.35 17.48 10.96
N ALA A 278 14.53 18.77 10.69
CA ALA A 278 15.84 19.34 10.63
C ALA A 278 16.53 19.29 12.01
N ARG A 279 15.83 19.64 13.07
CA ARG A 279 16.48 19.93 14.37
C ARG A 279 16.50 18.70 15.30
N ASP A 280 15.69 17.69 15.01
CA ASP A 280 15.43 16.66 16.01
C ASP A 280 15.40 15.28 15.40
N LEU A 281 14.43 15.03 14.56
CA LEU A 281 14.19 13.65 14.14
C LEU A 281 15.36 13.17 13.27
N GLY A 282 15.69 13.93 12.23
CA GLY A 282 16.70 13.50 11.28
C GLY A 282 18.05 13.21 11.92
N PRO A 283 18.57 14.22 12.64
CA PRO A 283 19.80 14.16 13.43
C PRO A 283 19.83 13.03 14.47
N THR A 284 18.74 12.90 15.20
CA THR A 284 18.53 11.83 16.18
C THR A 284 18.63 10.46 15.50
N LEU A 285 18.00 10.33 14.33
CA LEU A 285 18.05 9.10 13.57
C LEU A 285 19.45 8.93 12.95
N ALA A 286 20.06 10.01 12.54
CA ALA A 286 21.36 9.90 11.90
C ALA A 286 22.42 9.33 12.86
N ASN A 287 22.27 9.62 14.16
CA ASN A 287 23.20 9.25 15.23
C ASN A 287 22.72 7.98 15.96
N SER A 288 21.94 7.12 15.32
CA SER A 288 21.52 5.84 15.96
C SER A 288 22.04 4.67 15.12
N THR A 289 21.80 3.43 15.54
CA THR A 289 22.21 2.28 14.71
C THR A 289 21.30 2.22 13.48
N HIS A 290 20.17 2.91 13.55
CA HIS A 290 19.16 2.88 12.52
C HIS A 290 19.37 4.02 11.50
N HIS A 291 20.61 4.45 11.29
CA HIS A 291 20.86 5.53 10.31
C HIS A 291 20.48 5.09 8.89
N ASN A 292 20.30 3.80 8.64
CA ASN A 292 19.99 3.41 7.32
C ASN A 292 18.48 3.42 7.12
N VAL A 293 17.66 3.54 8.16
CA VAL A 293 16.21 3.67 7.91
C VAL A 293 15.90 4.96 7.15
N ARG A 294 15.16 4.87 6.06
CA ARG A 294 14.77 6.05 5.31
C ARG A 294 13.71 6.84 6.10
N LEU A 295 13.68 8.15 5.84
CA LEU A 295 12.66 9.01 6.45
C LEU A 295 11.74 9.56 5.35
N LEU A 296 10.45 9.29 5.48
CA LEU A 296 9.47 9.82 4.55
C LEU A 296 8.64 10.93 5.22
N MET A 297 8.43 12.03 4.50
CA MET A 297 7.61 13.15 4.95
C MET A 297 6.19 13.08 4.37
N LEU A 298 5.38 13.96 4.94
CA LEU A 298 3.97 14.22 4.58
C LEU A 298 3.10 13.10 5.14
N ASP A 299 2.84 12.02 4.38
CA ASP A 299 2.04 10.84 4.84
C ASP A 299 0.61 11.33 5.12
N ASP A 300 0.14 12.07 4.13
CA ASP A 300 -1.16 12.69 4.10
C ASP A 300 -1.66 12.74 2.61
N GLN A 301 -2.78 13.39 2.45
CA GLN A 301 -3.53 13.47 1.22
C GLN A 301 -2.83 14.31 0.14
N ARG A 302 -3.05 13.92 -1.12
CA ARG A 302 -2.22 14.45 -2.21
C ARG A 302 -2.47 15.94 -2.45
N LEU A 303 -3.67 16.44 -2.14
CA LEU A 303 -3.95 17.86 -2.33
C LEU A 303 -3.07 18.74 -1.42
N LEU A 304 -2.34 18.19 -0.46
CA LEU A 304 -1.38 19.03 0.27
C LEU A 304 -0.12 19.28 -0.57
N LEU A 305 0.02 18.64 -1.72
CA LEU A 305 1.18 18.87 -2.61
C LEU A 305 0.79 19.84 -3.73
N PRO A 306 1.71 20.62 -4.23
CA PRO A 306 3.13 20.56 -3.88
C PRO A 306 3.49 21.38 -2.65
N HIS A 307 2.59 22.24 -2.15
CA HIS A 307 2.95 23.23 -1.12
C HIS A 307 3.78 22.59 0.03
N TRP A 308 3.49 21.38 0.45
CA TRP A 308 4.18 20.86 1.65
C TRP A 308 5.64 20.61 1.35
N ALA A 309 5.89 20.05 0.20
CA ALA A 309 7.23 19.73 -0.26
C ALA A 309 8.02 21.01 -0.52
N LYS A 310 7.30 22.04 -0.93
CA LYS A 310 7.91 23.31 -1.21
C LYS A 310 8.44 23.89 0.11
N VAL A 311 7.68 23.68 1.18
CA VAL A 311 8.05 24.23 2.49
C VAL A 311 9.19 23.39 3.06
N VAL A 312 9.09 22.10 2.93
CA VAL A 312 10.02 21.24 3.60
C VAL A 312 11.34 21.16 2.80
N LEU A 313 11.25 20.80 1.52
CA LEU A 313 12.42 20.41 0.77
C LEU A 313 13.23 21.63 0.28
N THR A 314 12.72 22.86 0.38
CA THR A 314 13.57 24.01 -0.02
C THR A 314 14.53 24.38 1.11
N ASP A 315 14.17 24.04 2.36
CA ASP A 315 15.11 24.13 3.49
C ASP A 315 16.21 23.07 3.42
N PRO A 316 17.47 23.50 3.28
CA PRO A 316 18.53 22.50 3.14
C PRO A 316 18.78 21.70 4.43
N GLU A 317 18.63 22.29 5.62
CA GLU A 317 18.90 21.53 6.83
C GLU A 317 17.87 20.39 6.94
N ALA A 318 16.63 20.58 6.52
CA ALA A 318 15.62 19.48 6.55
C ALA A 318 15.78 18.57 5.32
N ALA A 319 16.06 19.17 4.18
CA ALA A 319 16.04 18.46 2.93
C ALA A 319 17.00 17.29 2.99
N LYS A 320 18.12 17.43 3.67
CA LYS A 320 19.16 16.43 3.56
C LYS A 320 18.79 15.16 4.31
N TYR A 321 17.67 15.18 5.04
CA TYR A 321 17.21 14.03 5.83
C TYR A 321 16.04 13.29 5.15
N VAL A 322 15.34 13.92 4.23
CA VAL A 322 14.14 13.34 3.67
C VAL A 322 14.52 12.49 2.45
N HIS A 323 14.18 11.21 2.51
CA HIS A 323 14.37 10.26 1.41
C HIS A 323 13.17 10.28 0.44
N GLY A 324 11.95 10.45 0.91
CA GLY A 324 10.81 10.48 0.01
C GLY A 324 9.60 11.13 0.64
N ILE A 325 8.49 11.14 -0.08
CA ILE A 325 7.23 11.77 0.36
C ILE A 325 6.14 10.70 0.29
N ALA A 326 5.49 10.43 1.43
CA ALA A 326 4.46 9.40 1.46
C ALA A 326 3.09 10.06 1.21
N VAL A 327 2.27 9.44 0.34
CA VAL A 327 0.96 10.00 0.07
C VAL A 327 -0.14 8.95 0.37
N HIS A 328 -1.22 9.51 0.87
CA HIS A 328 -2.44 8.86 1.16
C HIS A 328 -3.47 9.10 0.04
N TRP A 329 -4.17 8.02 -0.28
CA TRP A 329 -5.26 7.95 -1.20
C TRP A 329 -6.53 7.54 -0.43
N TYR A 330 -7.56 8.40 -0.39
CA TYR A 330 -8.93 7.95 -0.04
C TYR A 330 -9.74 7.83 -1.33
N LEU A 331 -9.97 6.59 -1.81
CA LEU A 331 -10.42 6.35 -3.20
C LEU A 331 -11.92 6.64 -3.33
N ASP A 332 -12.57 6.93 -2.21
CA ASP A 332 -13.91 7.46 -2.22
C ASP A 332 -14.01 8.87 -2.80
N PHE A 333 -12.90 9.59 -2.84
CA PHE A 333 -12.88 11.05 -3.05
C PHE A 333 -12.13 11.39 -4.36
N LEU A 334 -12.56 12.43 -5.04
CA LEU A 334 -11.82 12.90 -6.20
C LEU A 334 -10.71 13.87 -5.74
N ALA A 335 -9.57 13.86 -6.46
CA ALA A 335 -8.51 14.88 -6.32
C ALA A 335 -7.59 14.82 -7.54
N PRO A 336 -7.07 15.96 -7.99
CA PRO A 336 -6.19 15.96 -9.16
C PRO A 336 -4.89 15.18 -8.91
N ALA A 337 -4.38 14.52 -9.93
CA ALA A 337 -3.12 13.79 -9.83
C ALA A 337 -1.97 14.62 -10.42
N LYS A 338 -2.26 15.34 -11.49
CA LYS A 338 -1.22 15.99 -12.27
C LYS A 338 -0.67 17.18 -11.50
N ALA A 339 -1.59 18.04 -11.05
CA ALA A 339 -1.25 19.23 -10.36
C ALA A 339 -0.64 18.94 -8.99
N THR A 340 -0.75 17.71 -8.48
CA THR A 340 -0.26 17.36 -7.16
C THR A 340 0.99 16.45 -7.28
N LEU A 341 0.83 15.19 -7.60
CA LEU A 341 1.99 14.27 -7.78
C LEU A 341 2.88 14.74 -8.95
N GLY A 342 2.25 15.16 -10.05
CA GLY A 342 2.98 15.45 -11.25
C GLY A 342 3.82 16.70 -11.09
N GLU A 343 3.23 17.67 -10.41
CA GLU A 343 3.86 18.95 -10.10
C GLU A 343 5.03 18.70 -9.14
N THR A 344 4.82 17.84 -8.16
CA THR A 344 5.82 17.58 -7.11
C THR A 344 7.05 16.86 -7.66
N HIS A 345 6.81 15.91 -8.54
CA HIS A 345 7.87 15.28 -9.24
C HIS A 345 8.66 16.33 -10.06
N ARG A 346 7.95 17.25 -10.70
CA ARG A 346 8.59 18.21 -11.57
C ARG A 346 9.53 19.07 -10.70
N LEU A 347 9.01 19.64 -9.62
CA LEU A 347 9.83 20.47 -8.71
C LEU A 347 10.92 19.63 -8.01
N PHE A 348 10.64 18.38 -7.62
CA PHE A 348 11.59 17.64 -6.80
C PHE A 348 11.83 16.24 -7.37
N PRO A 349 12.53 16.14 -8.48
CA PRO A 349 12.56 14.86 -9.21
C PRO A 349 13.47 13.81 -8.54
N ASN A 350 14.32 14.25 -7.64
CA ASN A 350 15.21 13.33 -7.01
C ASN A 350 14.56 12.68 -5.80
N THR A 351 13.49 13.27 -5.25
CA THR A 351 12.84 12.77 -4.02
C THR A 351 11.79 11.78 -4.48
N MET A 352 11.74 10.63 -3.89
CA MET A 352 10.80 9.66 -4.39
C MET A 352 9.41 9.89 -3.77
N LEU A 353 8.41 9.50 -4.53
CA LEU A 353 6.99 9.53 -4.15
C LEU A 353 6.48 8.11 -3.85
N PHE A 354 5.75 7.95 -2.74
CA PHE A 354 5.37 6.65 -2.28
C PHE A 354 3.97 6.70 -1.66
N ALA A 355 3.11 5.76 -2.05
CA ALA A 355 1.76 5.72 -1.54
C ALA A 355 1.68 4.76 -0.33
N SER A 356 1.53 5.35 0.85
CA SER A 356 1.65 4.67 2.13
C SER A 356 0.30 4.17 2.65
N GLU A 357 -0.81 4.62 2.06
CA GLU A 357 -2.12 4.25 2.56
C GLU A 357 -3.16 4.46 1.46
N ALA A 358 -3.98 3.45 1.26
CA ALA A 358 -5.16 3.58 0.41
C ALA A 358 -6.36 2.96 1.10
N CYS A 359 -7.55 3.54 0.88
CA CYS A 359 -8.75 2.91 1.45
C CYS A 359 -10.02 3.41 0.74
N VAL A 360 -10.96 2.46 0.69
CA VAL A 360 -12.28 2.64 0.07
C VAL A 360 -13.34 2.32 1.12
N GLY A 361 -14.51 2.94 0.96
CA GLY A 361 -15.62 2.80 1.87
C GLY A 361 -15.46 3.64 3.13
N SER A 362 -14.60 4.66 3.13
CA SER A 362 -14.44 5.49 4.35
C SER A 362 -15.67 6.39 4.58
N LYS A 363 -16.39 6.81 3.53
CA LYS A 363 -17.53 7.72 3.71
C LYS A 363 -18.53 7.13 4.71
N PHE A 364 -18.80 7.84 5.81
CA PHE A 364 -19.72 7.31 6.83
C PHE A 364 -21.04 6.81 6.20
N TRP A 365 -21.52 7.41 5.13
CA TRP A 365 -22.84 7.11 4.62
C TRP A 365 -22.82 5.85 3.76
N GLU A 366 -21.64 5.23 3.61
CA GLU A 366 -21.42 4.14 2.66
C GLU A 366 -21.23 2.79 3.37
N GLN A 367 -21.90 1.78 2.89
CA GLN A 367 -21.57 0.43 3.29
C GLN A 367 -20.04 0.24 3.40
N SER A 368 -19.55 0.01 4.62
CA SER A 368 -18.11 -0.12 4.84
C SER A 368 -17.53 -1.34 4.09
N VAL A 369 -18.16 -2.48 4.27
CA VAL A 369 -17.77 -3.66 3.58
C VAL A 369 -18.87 -4.02 2.59
N ARG A 370 -18.49 -4.08 1.32
CA ARG A 370 -19.34 -4.54 0.23
C ARG A 370 -18.68 -5.78 -0.36
N LEU A 371 -19.25 -6.93 -0.01
CA LEU A 371 -18.73 -8.23 -0.42
C LEU A 371 -19.10 -8.50 -1.90
N GLY A 372 -18.09 -8.43 -2.76
CA GLY A 372 -18.24 -8.69 -4.21
C GLY A 372 -18.23 -7.41 -5.03
N SER A 373 -17.83 -6.27 -4.46
CA SER A 373 -17.94 -5.03 -5.28
C SER A 373 -16.88 -5.04 -6.39
N TRP A 374 -17.32 -5.13 -7.63
CA TRP A 374 -16.37 -4.97 -8.71
C TRP A 374 -15.87 -3.51 -8.70
N ASP A 375 -16.80 -2.56 -8.57
CA ASP A 375 -16.48 -1.16 -8.56
C ASP A 375 -15.31 -0.80 -7.64
N ARG A 376 -15.30 -1.28 -6.41
CA ARG A 376 -14.20 -0.98 -5.49
C ARG A 376 -12.92 -1.71 -5.94
N GLY A 377 -13.03 -2.84 -6.64
CA GLY A 377 -11.82 -3.46 -7.22
C GLY A 377 -11.29 -2.59 -8.35
N MET A 378 -12.16 -2.21 -9.29
CA MET A 378 -11.84 -1.25 -10.32
C MET A 378 -11.20 0.01 -9.71
N GLN A 379 -11.72 0.53 -8.60
CA GLN A 379 -11.12 1.72 -7.98
C GLN A 379 -9.67 1.45 -7.54
N TYR A 380 -9.39 0.30 -6.97
CA TYR A 380 -8.02 -0.01 -6.51
C TYR A 380 -7.05 -0.05 -7.70
N SER A 381 -7.45 -0.73 -8.77
CA SER A 381 -6.56 -0.86 -9.98
C SER A 381 -6.31 0.51 -10.65
N HIS A 382 -7.33 1.34 -10.78
CA HIS A 382 -7.23 2.58 -11.47
C HIS A 382 -6.26 3.49 -10.72
N SER A 383 -6.44 3.51 -9.40
CA SER A 383 -5.52 4.18 -8.54
C SER A 383 -4.09 3.63 -8.71
N ILE A 384 -3.88 2.33 -8.68
CA ILE A 384 -2.45 1.92 -8.73
C ILE A 384 -1.83 2.43 -10.04
N ILE A 385 -2.58 2.27 -11.14
CA ILE A 385 -2.16 2.69 -12.46
C ILE A 385 -1.88 4.20 -12.40
N THR A 386 -2.81 5.01 -11.90
CA THR A 386 -2.59 6.45 -11.90
C THR A 386 -1.34 6.81 -11.09
N ASN A 387 -1.17 6.10 -9.98
CA ASN A 387 0.01 6.26 -9.16
C ASN A 387 1.28 5.94 -9.95
N LEU A 388 1.24 4.93 -10.79
CA LEU A 388 2.46 4.46 -11.45
C LEU A 388 2.83 5.43 -12.55
N LEU A 389 1.79 6.00 -13.14
CA LEU A 389 1.92 6.97 -14.20
C LEU A 389 2.45 8.29 -13.66
N TYR A 390 2.31 8.59 -12.37
CA TYR A 390 2.87 9.83 -11.81
C TYR A 390 4.02 9.54 -10.84
N HIS A 391 4.84 8.54 -11.18
CA HIS A 391 6.21 8.40 -10.67
C HIS A 391 6.28 7.81 -9.28
N VAL A 392 5.14 7.42 -8.72
CA VAL A 392 5.12 6.77 -7.42
C VAL A 392 5.72 5.36 -7.53
N VAL A 393 6.57 5.06 -6.55
CA VAL A 393 7.40 3.85 -6.55
C VAL A 393 6.78 2.74 -5.69
N GLY A 394 5.58 2.92 -5.17
CA GLY A 394 5.07 1.95 -4.18
C GLY A 394 3.62 2.18 -3.85
N TRP A 395 2.88 1.11 -3.50
CA TRP A 395 1.46 1.29 -3.13
C TRP A 395 1.06 0.34 -2.02
N THR A 396 0.63 0.95 -0.92
CA THR A 396 0.35 0.28 0.30
C THR A 396 -1.10 0.47 0.73
N ASP A 397 -1.78 -0.67 0.76
CA ASP A 397 -3.14 -0.75 1.21
C ASP A 397 -3.18 -0.50 2.70
N TRP A 398 -4.36 -0.11 3.21
CA TRP A 398 -4.60 0.04 4.65
C TRP A 398 -4.71 -1.35 5.29
N ASN A 399 -5.73 -1.60 6.11
CA ASN A 399 -5.84 -2.86 6.94
C ASN A 399 -5.86 -4.12 6.08
N LEU A 400 -5.00 -5.09 6.42
CA LEU A 400 -4.84 -6.34 5.68
C LEU A 400 -6.11 -7.21 5.79
N ALA A 401 -6.77 -7.15 6.94
CA ALA A 401 -7.99 -7.94 7.21
C ALA A 401 -8.93 -7.11 8.09
N LEU A 402 -10.24 -7.19 7.83
CA LEU A 402 -11.22 -6.56 8.71
C LEU A 402 -12.40 -7.50 8.90
N ASN A 403 -13.24 -7.18 9.86
CA ASN A 403 -14.40 -7.97 10.11
C ASN A 403 -15.46 -7.56 9.07
N PRO A 404 -16.61 -8.20 9.08
CA PRO A 404 -17.70 -7.86 8.17
C PRO A 404 -18.35 -6.48 8.42
N GLU A 405 -18.05 -5.85 9.53
CA GLU A 405 -18.49 -4.49 9.83
C GLU A 405 -17.46 -3.47 9.32
N GLY A 406 -16.24 -3.92 8.91
CA GLY A 406 -15.14 -3.05 8.57
C GLY A 406 -14.40 -2.60 9.83
N GLY A 407 -14.43 -3.47 10.86
CA GLY A 407 -13.80 -3.24 12.15
C GLY A 407 -12.82 -4.37 12.54
N PRO A 408 -12.35 -4.32 13.80
CA PRO A 408 -12.85 -3.33 14.79
C PRO A 408 -12.11 -1.97 14.72
N ASN A 409 -12.82 -0.94 15.15
CA ASN A 409 -12.40 0.44 15.14
C ASN A 409 -13.03 1.15 16.35
N TRP A 410 -12.27 1.81 17.21
CA TRP A 410 -12.80 2.21 18.49
C TRP A 410 -13.65 3.48 18.40
N VAL A 411 -13.62 4.18 17.30
CA VAL A 411 -14.53 5.30 17.10
C VAL A 411 -15.48 4.96 15.94
N ARG A 412 -15.65 3.67 15.62
CA ARG A 412 -16.66 3.20 14.63
C ARG A 412 -16.38 3.83 13.26
N ASN A 413 -15.10 3.91 12.91
CA ASN A 413 -14.61 4.52 11.67
C ASN A 413 -14.37 3.45 10.58
N PHE A 414 -15.40 2.69 10.23
CA PHE A 414 -15.20 1.52 9.44
C PHE A 414 -14.94 1.83 7.97
N VAL A 415 -14.26 0.88 7.32
CA VAL A 415 -13.82 0.98 5.92
C VAL A 415 -13.78 -0.43 5.32
N ASP A 416 -13.55 -0.55 4.00
CA ASP A 416 -13.52 -1.87 3.37
C ASP A 416 -12.08 -2.40 3.48
N SER A 417 -11.90 -3.68 3.19
CA SER A 417 -10.59 -4.37 3.13
C SER A 417 -10.60 -5.43 2.02
N PRO A 418 -9.43 -5.67 1.38
CA PRO A 418 -9.35 -6.74 0.42
C PRO A 418 -9.72 -8.09 1.07
N ILE A 419 -9.54 -8.23 2.38
CA ILE A 419 -9.93 -9.50 3.00
C ILE A 419 -10.87 -9.32 4.19
N ILE A 420 -12.00 -10.04 4.18
CA ILE A 420 -13.06 -9.89 5.18
C ILE A 420 -13.18 -11.20 5.96
N VAL A 421 -12.94 -11.13 7.28
CA VAL A 421 -13.00 -12.33 8.12
C VAL A 421 -14.38 -12.48 8.77
N ASP A 422 -14.84 -13.73 8.69
CA ASP A 422 -16.08 -14.27 9.23
C ASP A 422 -15.80 -15.40 10.26
N ILE A 423 -15.56 -14.96 11.51
CA ILE A 423 -15.02 -15.73 12.63
C ILE A 423 -16.01 -16.83 13.02
N THR A 424 -17.30 -16.53 12.90
CA THR A 424 -18.37 -17.43 13.27
C THR A 424 -18.35 -18.66 12.37
N LYS A 425 -17.93 -18.50 11.10
CA LYS A 425 -17.98 -19.62 10.16
C LYS A 425 -16.54 -20.10 9.88
N ASP A 426 -15.58 -19.52 10.59
CA ASP A 426 -14.14 -19.72 10.36
C ASP A 426 -13.72 -19.50 8.92
N THR A 427 -14.30 -18.49 8.30
CA THR A 427 -14.17 -18.31 6.84
C THR A 427 -13.54 -16.94 6.58
N PHE A 428 -12.93 -16.74 5.43
CA PHE A 428 -12.55 -15.42 4.99
C PHE A 428 -12.83 -15.29 3.49
N TYR A 429 -12.99 -14.05 3.07
CA TYR A 429 -13.50 -13.73 1.77
C TYR A 429 -12.51 -12.83 1.03
N LYS A 430 -12.05 -13.28 -0.11
CA LYS A 430 -11.13 -12.49 -0.94
C LYS A 430 -12.01 -11.65 -1.88
N GLN A 431 -12.02 -10.37 -1.62
CA GLN A 431 -12.80 -9.38 -2.38
C GLN A 431 -12.20 -9.22 -3.79
N PRO A 432 -12.92 -8.60 -4.72
CA PRO A 432 -12.32 -8.14 -6.01
C PRO A 432 -11.07 -7.26 -5.85
N MET A 433 -11.11 -6.33 -4.91
CA MET A 433 -9.95 -5.58 -4.48
C MET A 433 -8.70 -6.46 -4.40
N PHE A 434 -8.78 -7.62 -3.74
CA PHE A 434 -7.62 -8.42 -3.49
C PHE A 434 -6.94 -8.74 -4.81
N TYR A 435 -7.75 -9.08 -5.81
CA TYR A 435 -7.29 -9.53 -7.14
C TYR A 435 -6.78 -8.37 -8.00
N HIS A 436 -7.53 -7.26 -7.96
CA HIS A 436 -7.08 -6.04 -8.63
C HIS A 436 -5.69 -5.63 -8.17
N LEU A 437 -5.44 -5.75 -6.86
CA LEU A 437 -4.13 -5.35 -6.31
C LEU A 437 -3.07 -6.40 -6.70
N GLY A 438 -3.44 -7.68 -6.61
CA GLY A 438 -2.52 -8.79 -7.01
C GLY A 438 -2.15 -8.79 -8.48
N HIS A 439 -2.96 -8.15 -9.31
CA HIS A 439 -2.67 -8.05 -10.74
C HIS A 439 -1.36 -7.25 -10.95
N PHE A 440 -1.05 -6.44 -9.94
CA PHE A 440 0.18 -5.71 -9.82
C PHE A 440 1.19 -6.44 -8.94
N SER A 441 0.80 -6.73 -7.70
CA SER A 441 1.76 -7.09 -6.67
C SER A 441 2.48 -8.40 -7.04
N LYS A 442 1.85 -9.24 -7.85
CA LYS A 442 2.35 -10.55 -8.09
C LYS A 442 3.41 -10.55 -9.18
N PHE A 443 3.30 -9.55 -10.05
CA PHE A 443 3.90 -9.57 -11.38
C PHE A 443 4.82 -8.36 -11.54
N ILE A 444 5.02 -7.59 -10.48
CA ILE A 444 5.98 -6.49 -10.48
C ILE A 444 6.85 -6.57 -9.22
N PRO A 445 8.01 -7.24 -9.33
CA PRO A 445 8.92 -7.30 -8.22
C PRO A 445 9.73 -6.02 -7.97
N GLU A 446 10.28 -5.91 -6.77
CA GLU A 446 11.04 -4.78 -6.35
C GLU A 446 12.15 -4.54 -7.37
N GLY A 447 12.34 -3.29 -7.78
CA GLY A 447 13.38 -2.98 -8.81
C GLY A 447 12.86 -3.06 -10.26
N SER A 448 11.62 -3.45 -10.44
CA SER A 448 11.02 -3.24 -11.73
C SER A 448 11.07 -1.73 -12.07
N GLN A 449 11.22 -1.41 -13.36
CA GLN A 449 11.13 -0.02 -13.79
C GLN A 449 9.91 0.18 -14.68
N ARG A 450 9.09 1.17 -14.40
CA ARG A 450 8.04 1.52 -15.32
C ARG A 450 8.68 2.02 -16.62
N VAL A 451 8.16 1.50 -17.75
CA VAL A 451 8.49 1.98 -19.03
C VAL A 451 7.21 2.53 -19.69
N GLY A 452 7.42 3.13 -20.86
CA GLY A 452 6.39 3.83 -21.58
C GLY A 452 5.58 2.89 -22.44
N LEU A 453 4.43 3.41 -22.81
CA LEU A 453 3.42 2.70 -23.49
C LEU A 453 2.59 3.71 -24.32
N VAL A 454 2.62 3.63 -25.66
CA VAL A 454 1.89 4.57 -26.52
C VAL A 454 0.70 3.88 -27.20
N ALA A 455 -0.48 4.49 -27.04
CA ALA A 455 -1.73 4.08 -27.69
C ALA A 455 -1.86 4.80 -29.02
N SER A 456 -2.20 4.05 -30.07
CA SER A 456 -2.30 4.60 -31.39
C SER A 456 -3.61 5.40 -31.54
N GLN A 457 -4.55 5.27 -30.63
CA GLN A 457 -5.80 6.01 -30.82
C GLN A 457 -6.43 6.23 -29.44
N LYS A 458 -7.42 7.12 -29.45
CA LYS A 458 -8.28 7.41 -28.30
C LYS A 458 -9.06 6.13 -27.93
N ASN A 459 -9.22 5.91 -26.62
CA ASN A 459 -9.68 4.62 -26.16
C ASN A 459 -10.06 4.74 -24.70
N ASP A 460 -10.85 3.79 -24.19
CA ASP A 460 -11.37 3.81 -22.83
C ASP A 460 -10.63 2.94 -21.84
N LEU A 461 -9.47 2.43 -22.23
CA LEU A 461 -8.73 1.57 -21.35
C LEU A 461 -7.83 2.41 -20.44
N ASP A 462 -7.29 1.75 -19.43
CA ASP A 462 -6.22 2.28 -18.60
C ASP A 462 -5.10 1.21 -18.53
N ALA A 463 -3.86 1.61 -18.73
CA ALA A 463 -2.79 0.62 -18.89
C ALA A 463 -1.46 1.16 -18.39
N VAL A 464 -0.56 0.24 -18.05
CA VAL A 464 0.77 0.55 -17.53
C VAL A 464 1.71 -0.63 -17.89
N ALA A 465 2.95 -0.29 -18.11
CA ALA A 465 3.89 -1.21 -18.60
C ALA A 465 5.15 -1.05 -17.79
N LEU A 466 5.75 -2.19 -17.49
CA LEU A 466 6.96 -2.17 -16.74
C LEU A 466 7.90 -3.27 -17.25
N MET A 467 9.14 -3.13 -16.83
CA MET A 467 10.22 -4.08 -17.18
C MET A 467 10.80 -4.67 -15.87
N HIS A 468 10.85 -5.99 -15.81
CA HIS A 468 11.38 -6.73 -14.65
C HIS A 468 12.87 -6.43 -14.49
N PRO A 469 13.41 -6.56 -13.28
CA PRO A 469 14.87 -6.55 -13.10
C PRO A 469 15.64 -7.39 -14.13
N ASP A 470 15.06 -8.52 -14.51
CA ASP A 470 15.72 -9.45 -15.48
C ASP A 470 15.40 -9.20 -17.02
N GLY A 471 14.61 -8.14 -17.28
CA GLY A 471 14.29 -7.63 -18.60
C GLY A 471 12.97 -8.13 -19.14
N SER A 472 12.20 -8.86 -18.33
CA SER A 472 10.92 -9.40 -18.76
C SER A 472 9.85 -8.29 -18.74
N ALA A 473 8.83 -8.46 -19.54
CA ALA A 473 7.86 -7.40 -19.73
C ALA A 473 6.60 -7.71 -18.90
N VAL A 474 6.00 -6.68 -18.28
CA VAL A 474 4.69 -6.79 -17.64
C VAL A 474 3.83 -5.59 -18.06
N VAL A 475 2.68 -5.87 -18.60
CA VAL A 475 1.69 -4.84 -18.88
C VAL A 475 0.37 -5.21 -18.21
N VAL A 476 -0.24 -4.27 -17.51
CA VAL A 476 -1.57 -4.49 -16.92
C VAL A 476 -2.58 -3.60 -17.68
N VAL A 477 -3.69 -4.18 -18.10
CA VAL A 477 -4.73 -3.41 -18.76
C VAL A 477 -6.05 -3.54 -17.99
N LEU A 478 -6.68 -2.41 -17.82
CA LEU A 478 -7.89 -2.33 -17.04
C LEU A 478 -8.97 -1.80 -17.95
N ASN A 479 -10.10 -2.50 -18.00
CA ASN A 479 -11.24 -2.00 -18.75
C ASN A 479 -12.34 -1.67 -17.74
N ARG A 480 -12.59 -0.38 -17.56
CA ARG A 480 -13.71 0.07 -16.70
C ARG A 480 -15.00 0.22 -17.52
N SER A 481 -14.94 -0.05 -18.81
CA SER A 481 -16.13 0.11 -19.69
C SER A 481 -16.89 -1.22 -19.83
N SER A 482 -18.13 -1.13 -20.27
CA SER A 482 -18.90 -2.32 -20.44
C SER A 482 -18.58 -3.00 -21.78
N LYS A 483 -17.67 -2.48 -22.60
CA LYS A 483 -17.50 -3.09 -23.91
C LYS A 483 -16.12 -3.74 -24.12
N ASP A 484 -16.14 -4.76 -24.97
CA ASP A 484 -15.01 -5.63 -25.25
C ASP A 484 -14.10 -4.97 -26.26
N VAL A 485 -12.92 -4.56 -25.84
CA VAL A 485 -12.09 -3.77 -26.72
C VAL A 485 -11.00 -4.67 -27.31
N PRO A 486 -11.08 -4.98 -28.62
CA PRO A 486 -10.01 -5.76 -29.23
C PRO A 486 -8.74 -4.90 -29.33
N LEU A 487 -7.55 -5.51 -29.18
CA LEU A 487 -6.32 -4.71 -29.21
C LEU A 487 -5.07 -5.59 -29.35
N THR A 488 -3.99 -4.85 -29.56
CA THR A 488 -2.67 -5.34 -29.84
C THR A 488 -1.63 -4.58 -29.03
N ILE A 489 -0.71 -5.34 -28.49
CA ILE A 489 0.41 -4.84 -27.78
C ILE A 489 1.66 -5.14 -28.61
N LYS A 490 2.40 -4.10 -29.01
CA LYS A 490 3.64 -4.34 -29.80
C LYS A 490 4.87 -4.16 -28.91
N ASP A 491 5.69 -5.20 -28.88
CA ASP A 491 7.05 -5.10 -28.36
C ASP A 491 8.00 -5.01 -29.58
N PRO A 492 8.64 -3.84 -29.81
CA PRO A 492 9.40 -3.56 -31.03
C PRO A 492 10.48 -4.63 -31.26
N ALA A 493 11.14 -5.01 -30.16
CA ALA A 493 12.22 -6.01 -30.24
C ALA A 493 11.70 -7.44 -30.48
N VAL A 494 10.46 -7.76 -30.12
CA VAL A 494 10.06 -9.15 -29.85
C VAL A 494 8.84 -9.57 -30.69
N GLY A 495 7.85 -8.68 -30.89
CA GLY A 495 6.70 -9.01 -31.76
C GLY A 495 5.39 -8.47 -31.21
N PHE A 496 4.27 -9.08 -31.62
CA PHE A 496 2.93 -8.59 -31.35
C PHE A 496 2.17 -9.63 -30.51
N LEU A 497 1.29 -9.12 -29.69
CA LEU A 497 0.34 -9.85 -28.88
C LEU A 497 -1.04 -9.39 -29.30
N GLU A 498 -1.79 -10.28 -29.90
CA GLU A 498 -3.16 -9.98 -30.25
C GLU A 498 -3.98 -10.38 -29.02
N THR A 499 -4.95 -9.60 -28.67
CA THR A 499 -5.70 -9.93 -27.49
C THR A 499 -7.00 -9.12 -27.53
N ILE A 500 -7.71 -9.23 -26.42
CA ILE A 500 -8.90 -8.47 -26.17
C ILE A 500 -8.94 -8.06 -24.69
N SER A 501 -9.66 -6.98 -24.43
CA SER A 501 -9.93 -6.49 -23.10
C SER A 501 -11.45 -6.42 -22.96
N PRO A 502 -12.04 -7.48 -22.36
CA PRO A 502 -13.45 -7.57 -22.16
C PRO A 502 -13.92 -6.43 -21.26
N GLY A 503 -15.16 -6.00 -21.48
CA GLY A 503 -15.82 -5.07 -20.57
C GLY A 503 -15.64 -5.56 -19.14
N TYR A 504 -15.33 -4.67 -18.18
CA TYR A 504 -15.25 -5.02 -16.73
C TYR A 504 -14.22 -6.11 -16.48
N SER A 505 -13.03 -5.93 -16.98
CA SER A 505 -11.96 -6.90 -16.79
C SER A 505 -10.68 -6.17 -16.44
N ILE A 506 -9.77 -6.99 -15.96
CA ILE A 506 -8.40 -6.58 -15.77
C ILE A 506 -7.49 -7.73 -16.22
N HIS A 507 -6.42 -7.43 -16.95
CA HIS A 507 -5.51 -8.44 -17.41
C HIS A 507 -4.08 -8.05 -17.04
N THR A 508 -3.27 -9.05 -16.76
CA THR A 508 -1.87 -8.81 -16.71
C THR A 508 -1.19 -9.78 -17.66
N TYR A 509 -0.36 -9.21 -18.54
CA TYR A 509 0.43 -9.91 -19.56
C TYR A 509 1.91 -9.95 -19.16
N LEU A 510 2.56 -11.08 -19.37
CA LEU A 510 4.02 -11.25 -19.08
C LEU A 510 4.71 -11.95 -20.23
N TRP A 511 5.91 -11.52 -20.60
CA TRP A 511 6.67 -12.32 -21.51
C TRP A 511 8.16 -12.08 -21.39
N ARG A 512 8.94 -13.06 -21.81
CA ARG A 512 10.36 -12.90 -21.99
C ARG A 512 10.64 -12.03 -23.24
N ARG A 513 11.62 -11.14 -23.15
CA ARG A 513 12.08 -10.27 -24.27
C ARG A 513 13.44 -10.76 -24.82
N GLN A 514 13.51 -11.17 -26.09
CA GLN A 514 14.81 -11.05 -26.77
C GLN A 514 14.73 -10.08 -27.95
#